data_9LDG
#
_entry.id   9LDG
#
_cell.length_a   60.078
_cell.length_b   59.397
_cell.length_c   65.749
_cell.angle_alpha   90.00
_cell.angle_beta   94.04
_cell.angle_gamma   90.00
#
_symmetry.space_group_name_H-M   'P 1 21 1'
#
loop_
_entity.id
_entity.type
_entity.pdbx_description
1 polymer "Probable RNA 2'-phosphotransferase"
2 polymer "DNA (5'-D(*AP*AP*AP*AP*AP*AP*AP*AP*AP*A)-3')"
3 non-polymer '[[(3~{a}~{R},5~{R},6~{R},6~{a}~{R})-2,6-bis(oxidanyl)-2-oxidanylidene-3~{a},5,6,6~{a}-tetrahydrofuro[2,3-d][1,3,2]dioxaphosphol-5-yl]methoxy-oxidanyl-phosphoryl] [(2~{R},3~{S},4~{R},5~{R})-5-(6-aminopurin-9-yl)-3,4-bis(oxidanyl)oxolan-2-yl]methyl hydrogen phosphate'
4 non-polymer GLYCEROL
5 water water
#
loop_
_entity_poly.entity_id
_entity_poly.type
_entity_poly.pdbx_seq_one_letter_code
_entity_poly.pdbx_strand_id
1 'polypeptide(L)'
;MKPERKRVSKLMAYILRHSPEEFGLRPDVEGFVSLNELVNALKTVYPEVTEEFVREIVENDPKGRYEIRGDRIRARYGHS
FPVSLDHEEDTESRFLYHGTPRRNLPSILKEGLKPMKRQYVHVSTDKIEALETGRRHGREVVLLVIDAECLRKRGFKIYK
AGKNVRIVERVPPDCITLAV
;
A,B
2 'polydeoxyribonucleotide' (DA)(DA)(DA)(DA)(DA)(DA)(DA)(DA)(DA)(DA) C,D
#
loop_
_chem_comp.id
_chem_comp.type
_chem_comp.name
_chem_comp.formula
A1EJE non-polymer '[[(3~{a}~{R},5~{R},6~{R},6~{a}~{R})-2,6-bis(oxidanyl)-2-oxidanylidene-3~{a},5,6,6~{a}-tetrahydrofuro[2,3-d][1,3,2]dioxaphosphol-5-yl]methoxy-oxidanyl-phosphoryl] [(2~{R},3~{S},4~{R},5~{R})-5-(6-aminopurin-9-yl)-3,4-bis(oxidanyl)oxolan-2-yl]methyl hydrogen phosphate' 'C15 H22 N5 O16 P3'
DA DNA linking 2'-DEOXYADENOSINE-5'-MONOPHOSPHATE 'C10 H14 N5 O6 P'
GOL non-polymer GLYCEROL 'C3 H8 O3'
#
# COMPACT_ATOMS: atom_id res chain seq x y z
N GLU A 4 17.41 23.78 -2.50
CA GLU A 4 17.34 24.70 -1.36
C GLU A 4 15.98 25.39 -1.28
N ARG A 5 15.73 26.32 -2.21
CA ARG A 5 14.47 27.04 -2.21
C ARG A 5 13.29 26.11 -2.44
N LYS A 6 13.41 25.18 -3.39
CA LYS A 6 12.33 24.24 -3.65
C LYS A 6 12.19 23.23 -2.51
N ARG A 7 13.29 22.88 -1.86
CA ARG A 7 13.21 21.92 -0.77
C ARG A 7 12.53 22.52 0.46
N VAL A 8 12.90 23.77 0.82
CA VAL A 8 12.28 24.43 1.96
C VAL A 8 10.80 24.69 1.69
N SER A 9 10.48 25.18 0.49
CA SER A 9 9.09 25.46 0.13
C SER A 9 8.24 24.20 0.19
N LYS A 10 8.81 23.05 -0.15
CA LYS A 10 8.07 21.80 -0.04
C LYS A 10 7.77 21.46 1.41
N LEU A 11 8.78 21.57 2.28
CA LEU A 11 8.57 21.29 3.70
C LEU A 11 7.61 22.29 4.32
N MET A 12 7.68 23.56 3.89
CA MET A 12 6.71 24.55 4.36
C MET A 12 5.30 24.18 3.95
N ALA A 13 5.13 23.58 2.77
CA ALA A 13 3.81 23.14 2.36
C ALA A 13 3.30 22.00 3.24
N TYR A 14 4.19 21.11 3.68
CA TYR A 14 3.77 20.01 4.54
C TYR A 14 3.34 20.49 5.92
N ILE A 15 4.07 21.46 6.48
CA ILE A 15 3.73 21.95 7.81
C ILE A 15 2.42 22.74 7.76
N LEU A 16 2.33 23.71 6.84
CA LEU A 16 1.20 24.63 6.82
C LEU A 16 -0.09 23.98 6.34
N ARG A 17 -0.01 22.90 5.58
CA ARG A 17 -1.20 22.28 5.01
C ARG A 17 -1.62 20.99 5.68
N HIS A 18 -0.69 20.23 6.28
CA HIS A 18 -1.01 18.84 6.61
C HIS A 18 -0.77 18.46 8.06
N SER A 19 0.44 18.68 8.58
CA SER A 19 0.77 18.28 9.95
C SER A 19 1.60 19.36 10.64
N PRO A 20 0.96 20.48 11.02
CA PRO A 20 1.68 21.48 11.84
C PRO A 20 1.88 21.06 13.28
N GLU A 21 1.08 20.11 13.79
CA GLU A 21 1.24 19.68 15.18
C GLU A 21 2.52 18.87 15.38
N GLU A 22 2.98 18.17 14.32
CA GLU A 22 4.20 17.38 14.45
C GLU A 22 5.40 18.24 14.81
N PHE A 23 5.42 19.50 14.37
CA PHE A 23 6.48 20.44 14.69
C PHE A 23 6.14 21.31 15.89
N GLY A 24 5.10 20.97 16.64
CA GLY A 24 4.70 21.76 17.79
C GLY A 24 4.17 23.12 17.39
N LEU A 25 3.30 23.16 16.38
CA LEU A 25 2.69 24.39 15.94
C LEU A 25 1.18 24.20 15.92
N ARG A 26 0.45 25.18 16.45
CA ARG A 26 -1.02 25.15 16.48
C ARG A 26 -1.54 26.31 15.64
N PRO A 27 -2.12 26.06 14.47
CA PRO A 27 -2.65 27.15 13.65
C PRO A 27 -3.98 27.67 14.17
N ASP A 28 -4.23 28.95 13.89
CA ASP A 28 -5.52 29.53 14.22
C ASP A 28 -6.55 29.12 13.18
N VAL A 29 -7.79 29.56 13.38
CA VAL A 29 -8.89 29.13 12.50
C VAL A 29 -8.75 29.61 11.07
N GLU A 30 -7.83 30.53 10.81
CA GLU A 30 -7.55 30.97 9.45
C GLU A 30 -6.40 30.20 8.80
N GLY A 31 -5.80 29.25 9.52
CA GLY A 31 -4.64 28.53 9.03
C GLY A 31 -3.32 29.21 9.29
N PHE A 32 -3.32 30.33 10.00
CA PHE A 32 -2.11 31.11 10.22
C PHE A 32 -1.26 30.53 11.35
N VAL A 33 0.04 30.66 11.20
CA VAL A 33 1.01 30.26 12.21
C VAL A 33 2.01 31.40 12.35
N SER A 34 2.51 31.62 13.57
CA SER A 34 3.50 32.66 13.77
C SER A 34 4.72 32.44 12.90
N LEU A 35 5.12 33.48 12.16
CA LEU A 35 6.27 33.35 11.27
C LEU A 35 7.54 33.05 12.05
N ASN A 36 7.64 33.51 13.29
CA ASN A 36 8.81 33.20 14.09
C ASN A 36 8.86 31.73 14.48
N GLU A 37 7.70 31.14 14.79
CA GLU A 37 7.68 29.74 15.19
C GLU A 37 7.93 28.83 14.01
N LEU A 38 7.46 29.21 12.82
CA LEU A 38 7.70 28.40 11.64
C LEU A 38 9.18 28.41 11.26
N VAL A 39 9.85 29.54 11.44
CA VAL A 39 11.27 29.62 11.13
C VAL A 39 12.05 28.63 11.99
N ASN A 40 11.76 28.59 13.29
CA ASN A 40 12.41 27.63 14.17
C ASN A 40 12.06 26.20 13.79
N ALA A 41 10.85 25.98 13.25
CA ALA A 41 10.46 24.64 12.82
C ALA A 41 11.25 24.22 11.58
N LEU A 42 11.46 25.13 10.63
CA LEU A 42 12.28 24.83 9.47
C LEU A 42 13.74 24.62 9.85
N LYS A 43 14.18 25.12 11.00
CA LYS A 43 15.57 24.95 11.42
C LYS A 43 15.83 23.57 12.01
N THR A 44 14.79 22.84 12.43
CA THR A 44 14.98 21.46 12.88
C THR A 44 15.46 20.57 11.74
N VAL A 45 15.07 20.89 10.51
CA VAL A 45 15.48 20.13 9.34
C VAL A 45 16.58 20.83 8.57
N TYR A 46 16.40 22.12 8.27
CA TYR A 46 17.38 22.91 7.55
C TYR A 46 17.83 24.07 8.43
N PRO A 47 18.99 23.96 9.10
CA PRO A 47 19.36 25.00 10.08
C PRO A 47 19.69 26.36 9.47
N GLU A 48 19.93 26.44 8.17
CA GLU A 48 20.38 27.67 7.55
C GLU A 48 19.24 28.60 7.15
N VAL A 49 17.99 28.23 7.43
CA VAL A 49 16.84 29.03 7.00
C VAL A 49 16.67 30.22 7.94
N THR A 50 16.49 31.40 7.36
CA THR A 50 16.21 32.62 8.11
C THR A 50 14.86 33.18 7.69
N GLU A 51 14.37 34.15 8.47
CA GLU A 51 13.10 34.78 8.15
C GLU A 51 13.16 35.47 6.79
N GLU A 52 14.31 36.05 6.44
CA GLU A 52 14.45 36.67 5.13
C GLU A 52 14.37 35.61 4.03
N PHE A 53 14.98 34.45 4.23
CA PHE A 53 14.87 33.37 3.26
C PHE A 53 13.40 32.97 3.08
N VAL A 54 12.68 32.81 4.19
CA VAL A 54 11.26 32.44 4.09
C VAL A 54 10.48 33.51 3.33
N ARG A 55 10.69 34.79 3.67
CA ARG A 55 9.98 35.87 2.99
C ARG A 55 10.30 35.90 1.50
N GLU A 56 11.50 35.44 1.11
CA GLU A 56 11.84 35.36 -0.30
C GLU A 56 11.00 34.29 -1.01
N ILE A 57 10.73 33.18 -0.32
CA ILE A 57 9.90 32.13 -0.91
C ILE A 57 8.47 32.61 -1.11
N VAL A 58 7.91 33.27 -0.10
CA VAL A 58 6.55 33.77 -0.19
C VAL A 58 6.44 34.80 -1.30
N GLU A 59 7.38 35.75 -1.34
CA GLU A 59 7.28 36.82 -2.32
C GLU A 59 7.50 36.32 -3.74
N ASN A 60 8.28 35.25 -3.92
CA ASN A 60 8.66 34.78 -5.25
C ASN A 60 7.93 33.52 -5.69
N ASP A 61 7.03 32.97 -4.86
CA ASP A 61 6.36 31.74 -5.24
C ASP A 61 5.47 31.99 -6.46
N PRO A 62 5.60 31.18 -7.52
CA PRO A 62 4.88 31.46 -8.76
C PRO A 62 3.40 31.10 -8.73
N LYS A 63 2.90 30.55 -7.63
CA LYS A 63 1.49 30.18 -7.52
C LYS A 63 0.74 30.97 -6.45
N GLY A 64 1.42 31.86 -5.73
CA GLY A 64 0.78 32.52 -4.60
C GLY A 64 0.40 31.56 -3.50
N ARG A 65 1.29 30.58 -3.22
CA ARG A 65 0.96 29.53 -2.25
C ARG A 65 0.75 30.08 -0.85
N TYR A 66 1.54 31.08 -0.45
CA TYR A 66 1.65 31.45 0.94
C TYR A 66 1.28 32.92 1.14
N GLU A 67 0.83 33.24 2.35
CA GLU A 67 0.39 34.57 2.72
C GLU A 67 1.01 34.94 4.05
N ILE A 68 1.56 36.15 4.13
CA ILE A 68 2.14 36.68 5.36
C ILE A 68 1.30 37.87 5.78
N ARG A 69 0.62 37.74 6.92
CA ARG A 69 -0.13 38.82 7.55
C ARG A 69 0.58 39.20 8.83
N GLY A 70 1.23 40.36 8.83
CA GLY A 70 1.95 40.83 10.00
C GLY A 70 3.02 39.87 10.46
N ASP A 71 2.85 39.31 11.65
CA ASP A 71 3.78 38.33 12.22
C ASP A 71 3.30 36.90 12.00
N ARG A 72 2.39 36.68 11.06
CA ARG A 72 1.79 35.37 10.85
C ARG A 72 1.95 34.97 9.39
N ILE A 73 2.02 33.65 9.16
CA ILE A 73 2.21 33.09 7.83
C ILE A 73 1.32 31.87 7.67
N ARG A 74 0.79 31.69 6.47
CA ARG A 74 -0.10 30.57 6.22
C ARG A 74 0.00 30.11 4.78
N ALA A 75 -0.36 28.86 4.55
CA ALA A 75 -0.65 28.39 3.20
C ALA A 75 -2.07 28.78 2.84
N ARG A 76 -2.26 29.24 1.60
CA ARG A 76 -3.55 29.78 1.21
C ARG A 76 -4.53 28.71 0.75
N TYR A 77 -4.10 27.49 0.57
CA TYR A 77 -4.95 26.40 0.09
C TYR A 77 -4.22 25.09 0.35
N GLY A 78 -4.71 24.00 -0.25
CA GLY A 78 -4.08 22.71 -0.12
C GLY A 78 -4.19 22.04 1.24
N HIS A 79 -5.01 22.57 2.13
CA HIS A 79 -5.06 22.03 3.50
C HIS A 79 -5.75 20.68 3.52
N SER A 80 -5.24 19.79 4.37
CA SER A 80 -5.91 18.53 4.66
C SER A 80 -6.62 18.57 6.01
N PHE A 81 -6.49 19.68 6.76
CA PHE A 81 -7.31 19.98 7.93
C PHE A 81 -8.15 21.21 7.66
N PRO A 82 -9.38 21.27 8.15
CA PRO A 82 -10.29 22.35 7.76
C PRO A 82 -9.89 23.69 8.36
N VAL A 83 -10.06 24.75 7.57
CA VAL A 83 -9.70 26.10 7.97
C VAL A 83 -10.79 27.05 7.48
N SER A 84 -10.67 28.31 7.91
CA SER A 84 -11.62 29.37 7.58
C SER A 84 -10.88 30.39 6.72
N LEU A 85 -11.08 30.32 5.41
CA LEU A 85 -10.42 31.18 4.46
C LEU A 85 -11.33 32.33 4.07
N ASP A 86 -10.74 33.50 3.86
CA ASP A 86 -11.47 34.72 3.53
C ASP A 86 -11.19 35.19 2.11
N HIS A 87 -10.84 34.27 1.22
CA HIS A 87 -10.49 34.65 -0.15
C HIS A 87 -11.69 35.27 -0.86
N GLU A 88 -11.40 36.09 -1.86
CA GLU A 88 -12.47 36.73 -2.62
C GLU A 88 -13.12 35.72 -3.55
N GLU A 89 -14.40 35.94 -3.84
CA GLU A 89 -15.11 35.06 -4.75
C GLU A 89 -14.71 35.36 -6.19
N ASP A 90 -14.57 34.31 -6.98
CA ASP A 90 -14.28 34.42 -8.42
C ASP A 90 -15.61 34.45 -9.14
N THR A 91 -16.03 35.65 -9.58
CA THR A 91 -17.20 35.80 -10.43
C THR A 91 -16.86 36.07 -11.88
N GLU A 92 -15.57 36.09 -12.23
CA GLU A 92 -15.13 36.46 -13.56
C GLU A 92 -14.97 35.26 -14.50
N SER A 93 -14.46 34.14 -13.98
CA SER A 93 -14.08 33.01 -14.83
C SER A 93 -15.30 32.37 -15.47
N ARG A 94 -15.22 32.13 -16.78
CA ARG A 94 -16.23 31.38 -17.50
C ARG A 94 -15.95 29.87 -17.49
N PHE A 95 -14.67 29.50 -17.58
CA PHE A 95 -14.25 28.10 -17.60
C PHE A 95 -13.06 27.92 -16.66
N LEU A 96 -13.00 26.74 -16.04
CA LEU A 96 -11.89 26.38 -15.16
C LEU A 96 -11.40 24.99 -15.55
N TYR A 97 -10.18 24.67 -15.11
CA TYR A 97 -9.50 23.47 -15.59
C TYR A 97 -9.00 22.63 -14.42
N HIS A 98 -9.04 21.32 -14.62
CA HIS A 98 -8.57 20.36 -13.64
C HIS A 98 -7.87 19.22 -14.38
N GLY A 99 -6.62 18.95 -14.01
CA GLY A 99 -5.90 17.79 -14.52
C GLY A 99 -5.99 16.61 -13.58
N THR A 100 -6.23 15.42 -14.15
CA THR A 100 -6.38 14.20 -13.39
C THR A 100 -5.92 13.02 -14.23
N PRO A 101 -5.35 11.98 -13.62
CA PRO A 101 -5.02 10.78 -14.38
C PRO A 101 -6.24 10.17 -15.06
N ARG A 102 -5.99 9.50 -16.19
CA ARG A 102 -7.06 8.89 -16.98
C ARG A 102 -7.88 7.90 -16.15
N ARG A 103 -7.26 7.19 -15.21
CA ARG A 103 -7.97 6.17 -14.44
C ARG A 103 -9.11 6.72 -13.58
N ASN A 104 -9.08 8.00 -13.21
CA ASN A 104 -10.13 8.57 -12.34
C ASN A 104 -11.39 8.95 -13.09
N LEU A 105 -11.38 8.90 -14.42
CA LEU A 105 -12.51 9.41 -15.22
C LEU A 105 -13.84 8.74 -14.91
N PRO A 106 -13.97 7.41 -14.88
CA PRO A 106 -15.30 6.82 -14.63
C PRO A 106 -15.89 7.28 -13.31
N SER A 107 -15.07 7.36 -12.27
CA SER A 107 -15.57 7.82 -10.98
C SER A 107 -15.88 9.31 -11.00
N ILE A 108 -15.00 10.11 -11.63
CA ILE A 108 -15.24 11.56 -11.70
C ILE A 108 -16.49 11.84 -12.52
N LEU A 109 -16.68 11.13 -13.63
CA LEU A 109 -17.84 11.39 -14.48
C LEU A 109 -19.15 10.98 -13.81
N LYS A 110 -19.09 10.14 -12.78
CA LYS A 110 -20.29 9.72 -12.05
C LYS A 110 -20.51 10.54 -10.78
N GLU A 111 -19.47 10.66 -9.94
CA GLU A 111 -19.58 11.32 -8.65
C GLU A 111 -19.18 12.79 -8.69
N GLY A 112 -18.39 13.20 -9.67
CA GLY A 112 -17.87 14.55 -9.72
C GLY A 112 -16.56 14.68 -8.97
N LEU A 113 -15.95 15.85 -9.10
CA LEU A 113 -14.71 16.14 -8.40
C LEU A 113 -15.00 16.32 -6.91
N LYS A 114 -14.40 15.45 -6.10
CA LYS A 114 -14.54 15.54 -4.65
C LYS A 114 -13.23 15.98 -4.02
N PRO A 115 -13.27 16.53 -2.79
CA PRO A 115 -12.03 17.06 -2.19
C PRO A 115 -11.02 16.00 -1.78
N MET A 116 -11.44 14.75 -1.62
CA MET A 116 -10.52 13.65 -1.26
C MET A 116 -9.98 13.95 0.14
N LYS A 117 -8.66 13.97 0.35
CA LYS A 117 -8.07 14.26 1.64
C LYS A 117 -8.00 15.75 1.97
N ARG A 118 -8.21 16.64 1.01
CA ARG A 118 -8.16 18.06 1.30
C ARG A 118 -9.56 18.59 1.65
N GLN A 119 -9.60 19.85 2.09
CA GLN A 119 -10.87 20.49 2.41
C GLN A 119 -11.64 20.90 1.15
N TYR A 120 -10.96 21.39 0.12
CA TYR A 120 -11.62 21.89 -1.08
C TYR A 120 -11.11 21.17 -2.32
N VAL A 121 -11.96 21.10 -3.34
CA VAL A 121 -11.51 20.71 -4.68
C VAL A 121 -10.70 21.86 -5.26
N HIS A 122 -9.58 21.54 -5.91
CA HIS A 122 -8.66 22.54 -6.45
C HIS A 122 -8.71 22.53 -7.97
N VAL A 123 -8.98 23.69 -8.56
CA VAL A 123 -8.97 23.87 -10.00
C VAL A 123 -8.08 25.07 -10.31
N SER A 124 -7.89 25.33 -11.60
CA SER A 124 -7.04 26.42 -12.03
C SER A 124 -7.69 27.13 -13.19
N THR A 125 -7.36 28.42 -13.31
CA THR A 125 -7.72 29.19 -14.49
C THR A 125 -6.77 28.96 -15.65
N ASP A 126 -5.70 28.20 -15.44
CA ASP A 126 -4.67 27.97 -16.46
C ASP A 126 -4.63 26.51 -16.84
N LYS A 127 -4.52 26.24 -18.14
CA LYS A 127 -4.53 24.87 -18.61
C LYS A 127 -3.23 24.15 -18.27
N ILE A 128 -2.10 24.83 -18.42
CA ILE A 128 -0.80 24.21 -18.17
C ILE A 128 -0.70 23.77 -16.71
N GLU A 129 -1.03 24.67 -15.78
CA GLU A 129 -0.90 24.35 -14.36
C GLU A 129 -1.85 23.24 -13.95
N ALA A 130 -3.03 23.16 -14.59
CA ALA A 130 -3.97 22.09 -14.32
C ALA A 130 -3.41 20.73 -14.76
N LEU A 131 -2.82 20.68 -15.96
CA LEU A 131 -2.24 19.41 -16.41
C LEU A 131 -1.01 19.05 -15.59
N GLU A 132 -0.20 20.05 -15.25
CA GLU A 132 1.00 19.77 -14.44
C GLU A 132 0.62 19.29 -13.04
N THR A 133 -0.51 19.76 -12.50
CA THR A 133 -0.98 19.25 -11.21
C THR A 133 -1.34 17.78 -11.29
N GLY A 134 -2.04 17.38 -12.36
CA GLY A 134 -2.41 15.98 -12.52
C GLY A 134 -1.22 15.07 -12.78
N ARG A 135 -0.17 15.61 -13.41
CA ARG A 135 1.03 14.83 -13.69
C ARG A 135 1.70 14.33 -12.41
N ARG A 136 1.38 14.94 -11.26
CA ARG A 136 1.92 14.46 -10.00
C ARG A 136 1.42 13.07 -9.63
N HIS A 137 0.28 12.64 -10.19
CA HIS A 137 -0.35 11.39 -9.81
C HIS A 137 -0.17 10.27 -10.84
N GLY A 138 0.21 10.60 -12.06
CA GLY A 138 0.37 9.58 -13.08
C GLY A 138 0.80 10.19 -14.39
N ARG A 139 1.08 9.32 -15.34
CA ARG A 139 1.58 9.72 -16.65
C ARG A 139 0.44 10.12 -17.59
N GLU A 140 -0.60 9.30 -17.68
CA GLU A 140 -1.70 9.58 -18.60
C GLU A 140 -2.64 10.57 -17.92
N VAL A 141 -2.45 11.85 -18.21
CA VAL A 141 -3.23 12.92 -17.59
C VAL A 141 -4.19 13.49 -18.61
N VAL A 142 -5.39 13.86 -18.16
CA VAL A 142 -6.40 14.42 -19.03
C VAL A 142 -6.82 15.78 -18.46
N LEU A 143 -7.20 16.68 -19.37
CA LEU A 143 -7.63 18.02 -19.03
C LEU A 143 -9.15 18.06 -18.92
N LEU A 144 -9.65 18.43 -17.75
CA LEU A 144 -11.08 18.59 -17.53
C LEU A 144 -11.45 20.07 -17.69
N VAL A 145 -12.51 20.33 -18.45
CA VAL A 145 -13.04 21.67 -18.64
C VAL A 145 -14.30 21.78 -17.77
N ILE A 146 -14.40 22.86 -17.00
CA ILE A 146 -15.46 23.04 -16.02
C ILE A 146 -16.20 24.33 -16.35
N ASP A 147 -17.51 24.23 -16.55
CA ASP A 147 -18.30 25.47 -16.71
C ASP A 147 -18.45 26.08 -15.33
N ALA A 148 -17.96 27.29 -15.12
CA ALA A 148 -18.02 27.95 -13.80
C ALA A 148 -19.44 28.46 -13.51
N GLU A 149 -20.23 28.76 -14.54
CA GLU A 149 -21.61 29.20 -14.27
C GLU A 149 -22.40 28.00 -13.75
N CYS A 150 -22.21 26.84 -14.36
CA CYS A 150 -22.88 25.61 -13.85
C CYS A 150 -22.67 25.53 -12.34
N LEU A 151 -21.43 25.67 -11.89
CA LEU A 151 -21.11 25.56 -10.45
C LEU A 151 -21.90 26.62 -9.67
N ARG A 152 -21.73 27.89 -9.99
CA ARG A 152 -22.40 28.99 -9.26
C ARG A 152 -23.92 28.78 -9.23
N LYS A 153 -24.50 28.37 -10.35
CA LYS A 153 -25.97 28.18 -10.42
C LYS A 153 -26.37 27.09 -9.43
N ARG A 154 -25.50 26.10 -9.26
CA ARG A 154 -25.78 25.01 -8.33
C ARG A 154 -25.36 25.33 -6.92
N GLY A 155 -24.95 26.57 -6.65
CA GLY A 155 -24.61 26.97 -5.30
C GLY A 155 -23.22 26.62 -4.84
N PHE A 156 -22.30 26.36 -5.76
CA PHE A 156 -20.91 26.05 -5.43
C PHE A 156 -20.05 27.24 -5.85
N LYS A 157 -19.82 28.15 -4.90
CA LYS A 157 -19.06 29.35 -5.17
C LYS A 157 -17.58 29.01 -5.35
N ILE A 158 -16.92 29.73 -6.25
CA ILE A 158 -15.50 29.58 -6.53
C ILE A 158 -14.75 30.74 -5.90
N TYR A 159 -13.63 30.44 -5.25
CA TYR A 159 -12.86 31.46 -4.54
C TYR A 159 -11.44 31.55 -5.08
N LYS A 160 -10.90 32.76 -5.07
CA LYS A 160 -9.56 33.04 -5.60
C LYS A 160 -8.54 32.78 -4.49
N ALA A 161 -8.06 31.54 -4.41
CA ALA A 161 -7.09 31.17 -3.38
C ALA A 161 -5.65 31.42 -3.79
N GLY A 162 -5.32 31.23 -5.06
CA GLY A 162 -3.99 31.52 -5.57
C GLY A 162 -4.02 32.44 -6.77
N LYS A 163 -2.86 32.67 -7.40
CA LYS A 163 -2.81 33.46 -8.63
C LYS A 163 -3.75 32.88 -9.67
N ASN A 164 -3.62 31.58 -9.95
CA ASN A 164 -4.55 30.88 -10.82
C ASN A 164 -5.33 29.77 -10.12
N VAL A 165 -4.88 29.33 -8.94
CA VAL A 165 -5.61 28.29 -8.22
C VAL A 165 -6.96 28.83 -7.77
N ARG A 166 -7.99 27.98 -7.84
CA ARG A 166 -9.32 28.31 -7.37
C ARG A 166 -9.86 27.14 -6.55
N ILE A 167 -10.44 27.44 -5.40
CA ILE A 167 -11.00 26.40 -4.54
C ILE A 167 -12.52 26.43 -4.64
N VAL A 168 -13.11 25.24 -4.54
CA VAL A 168 -14.56 25.09 -4.61
C VAL A 168 -14.92 23.87 -3.78
N GLU A 169 -16.16 23.86 -3.27
CA GLU A 169 -16.60 22.77 -2.39
C GLU A 169 -16.54 21.43 -3.11
N ARG A 170 -17.10 21.37 -4.31
CA ARG A 170 -17.02 20.18 -5.16
C ARG A 170 -17.51 20.56 -6.54
N VAL A 171 -17.22 19.70 -7.51
CA VAL A 171 -17.65 19.93 -8.89
C VAL A 171 -18.59 18.80 -9.31
N PRO A 172 -19.89 19.04 -9.39
CA PRO A 172 -20.83 18.02 -9.88
C PRO A 172 -20.45 17.58 -11.28
N PRO A 173 -20.84 16.35 -11.68
CA PRO A 173 -20.39 15.83 -12.98
C PRO A 173 -20.86 16.66 -14.16
N ASP A 174 -22.13 17.04 -14.21
CA ASP A 174 -22.63 17.74 -15.39
C ASP A 174 -22.16 19.19 -15.46
N CYS A 175 -21.15 19.55 -14.68
CA CYS A 175 -20.50 20.88 -14.82
C CYS A 175 -19.17 20.63 -15.56
N ILE A 176 -18.84 19.36 -15.82
CA ILE A 176 -17.64 19.01 -16.59
C ILE A 176 -18.07 18.89 -18.05
N THR A 177 -17.74 19.90 -18.84
CA THR A 177 -18.21 19.95 -20.22
C THR A 177 -17.34 19.12 -21.17
N LEU A 178 -16.06 18.96 -20.86
CA LEU A 178 -15.14 18.31 -21.79
C LEU A 178 -14.03 17.61 -21.02
N ALA A 179 -13.58 16.49 -21.59
CA ALA A 179 -12.37 15.79 -21.14
C ALA A 179 -11.51 15.55 -22.36
N VAL A 180 -10.25 16.01 -22.31
CA VAL A 180 -9.36 15.87 -23.45
C VAL A 180 -7.99 15.39 -23.00
N ARG B 5 16.32 -19.13 17.94
CA ARG B 5 15.86 -20.25 17.13
C ARG B 5 14.72 -19.84 16.21
N LYS B 6 13.74 -19.12 16.76
CA LYS B 6 12.61 -18.69 15.96
C LYS B 6 13.02 -17.64 14.93
N ARG B 7 13.96 -16.77 15.30
CA ARG B 7 14.37 -15.71 14.38
C ARG B 7 15.12 -16.26 13.17
N VAL B 8 16.04 -17.21 13.41
CA VAL B 8 16.80 -17.79 12.30
C VAL B 8 15.90 -18.66 11.43
N SER B 9 14.99 -19.41 12.06
CA SER B 9 14.07 -20.24 11.29
C SER B 9 13.17 -19.39 10.40
N LYS B 10 12.84 -18.17 10.83
CA LYS B 10 12.05 -17.27 10.00
C LYS B 10 12.84 -16.81 8.79
N LEU B 11 14.09 -16.38 9.01
CA LEU B 11 14.92 -15.96 7.89
C LEU B 11 15.30 -17.13 7.01
N MET B 12 15.38 -18.33 7.59
CA MET B 12 15.59 -19.53 6.78
C MET B 12 14.41 -19.78 5.86
N ALA B 13 13.19 -19.49 6.33
CA ALA B 13 12.02 -19.63 5.48
C ALA B 13 12.04 -18.60 4.34
N TYR B 14 12.48 -17.37 4.63
CA TYR B 14 12.53 -16.35 3.59
C TYR B 14 13.55 -16.71 2.51
N ILE B 15 14.68 -17.28 2.90
CA ILE B 15 15.73 -17.61 1.94
C ILE B 15 15.30 -18.79 1.08
N LEU B 16 14.84 -19.87 1.72
CA LEU B 16 14.55 -21.11 1.02
C LEU B 16 13.27 -21.06 0.22
N ARG B 17 12.32 -20.19 0.58
CA ARG B 17 11.02 -20.16 -0.09
C ARG B 17 10.85 -19.03 -1.08
N HIS B 18 11.54 -17.90 -0.89
CA HIS B 18 11.14 -16.69 -1.60
C HIS B 18 12.27 -16.02 -2.36
N SER B 19 13.39 -15.72 -1.70
CA SER B 19 14.48 -14.96 -2.33
C SER B 19 15.83 -15.57 -1.95
N PRO B 20 16.16 -16.73 -2.50
CA PRO B 20 17.50 -17.29 -2.27
C PRO B 20 18.57 -16.56 -3.05
N GLU B 21 18.24 -16.08 -4.26
CA GLU B 21 19.21 -15.37 -5.07
C GLU B 21 19.57 -14.01 -4.47
N GLU B 22 18.75 -13.48 -3.57
CA GLU B 22 19.11 -12.26 -2.87
C GLU B 22 20.39 -12.43 -2.05
N PHE B 23 20.63 -13.64 -1.57
CA PHE B 23 21.82 -13.97 -0.79
C PHE B 23 22.89 -14.66 -1.63
N GLY B 24 22.77 -14.61 -2.96
CA GLY B 24 23.72 -15.28 -3.84
C GLY B 24 23.65 -16.79 -3.78
N LEU B 25 22.44 -17.35 -3.67
CA LEU B 25 22.24 -18.80 -3.62
C LEU B 25 21.30 -19.20 -4.75
N ARG B 26 21.67 -20.24 -5.49
CA ARG B 26 20.86 -20.74 -6.59
C ARG B 26 20.36 -22.14 -6.24
N PRO B 27 19.06 -22.32 -6.01
CA PRO B 27 18.55 -23.66 -5.69
C PRO B 27 18.34 -24.49 -6.96
N ASP B 28 18.49 -25.79 -6.80
CA ASP B 28 18.23 -26.71 -7.91
C ASP B 28 16.73 -26.90 -8.06
N VAL B 29 16.34 -27.64 -9.12
CA VAL B 29 14.94 -27.80 -9.47
C VAL B 29 14.12 -28.45 -8.36
N GLU B 30 14.75 -29.03 -7.36
CA GLU B 30 14.04 -29.55 -6.20
C GLU B 30 13.97 -28.54 -5.05
N GLY B 31 14.56 -27.36 -5.22
CA GLY B 31 14.59 -26.36 -4.17
C GLY B 31 15.74 -26.48 -3.20
N PHE B 32 16.68 -27.39 -3.44
CA PHE B 32 17.77 -27.63 -2.52
C PHE B 32 18.89 -26.62 -2.72
N VAL B 33 19.49 -26.18 -1.61
CA VAL B 33 20.70 -25.38 -1.61
C VAL B 33 21.70 -26.08 -0.69
N SER B 34 22.99 -25.86 -0.96
CA SER B 34 24.02 -26.44 -0.11
C SER B 34 23.91 -25.92 1.31
N LEU B 35 23.99 -26.84 2.28
CA LEU B 35 23.93 -26.45 3.69
C LEU B 35 25.06 -25.50 4.04
N ASN B 36 26.26 -25.73 3.48
CA ASN B 36 27.39 -24.86 3.79
C ASN B 36 27.14 -23.43 3.34
N GLU B 37 26.54 -23.25 2.17
CA GLU B 37 26.31 -21.90 1.65
C GLU B 37 25.22 -21.18 2.44
N LEU B 38 24.20 -21.92 2.87
CA LEU B 38 23.14 -21.30 3.66
C LEU B 38 23.64 -20.86 5.03
N VAL B 39 24.59 -21.61 5.62
CA VAL B 39 25.16 -21.20 6.90
C VAL B 39 25.89 -19.87 6.74
N ASN B 40 26.68 -19.72 5.67
CA ASN B 40 27.34 -18.45 5.43
C ASN B 40 26.33 -17.33 5.20
N ALA B 41 25.22 -17.64 4.51
CA ALA B 41 24.18 -16.64 4.30
C ALA B 41 23.51 -16.26 5.62
N LEU B 42 23.23 -17.25 6.46
CA LEU B 42 22.68 -16.97 7.78
C LEU B 42 23.66 -16.20 8.65
N LYS B 43 24.96 -16.37 8.42
CA LYS B 43 25.97 -15.65 9.19
C LYS B 43 26.05 -14.18 8.80
N THR B 44 25.56 -13.81 7.62
CA THR B 44 25.59 -12.41 7.21
C THR B 44 24.75 -11.54 8.14
N VAL B 45 23.70 -12.11 8.72
CA VAL B 45 22.84 -11.39 9.66
C VAL B 45 23.09 -11.80 11.09
N TYR B 46 23.31 -13.09 11.33
CA TYR B 46 23.54 -13.63 12.67
C TYR B 46 24.82 -14.45 12.65
N PRO B 47 25.96 -13.86 13.04
CA PRO B 47 27.25 -14.56 12.89
C PRO B 47 27.41 -15.78 13.78
N GLU B 48 26.60 -15.92 14.83
CA GLU B 48 26.76 -17.03 15.77
C GLU B 48 26.11 -18.32 15.30
N VAL B 49 25.56 -18.35 14.09
CA VAL B 49 24.85 -19.53 13.60
C VAL B 49 25.86 -20.55 13.07
N THR B 50 25.69 -21.80 13.46
CA THR B 50 26.54 -22.88 12.99
C THR B 50 25.73 -23.91 12.21
N GLU B 51 26.45 -24.84 11.57
CA GLU B 51 25.77 -25.94 10.88
C GLU B 51 24.99 -26.80 11.86
N GLU B 52 25.54 -27.03 13.05
CA GLU B 52 24.81 -27.76 14.08
C GLU B 52 23.56 -27.01 14.50
N PHE B 53 23.65 -25.69 14.63
CA PHE B 53 22.48 -24.89 15.00
C PHE B 53 21.39 -24.99 13.94
N VAL B 54 21.79 -25.08 12.67
CA VAL B 54 20.81 -25.22 11.58
C VAL B 54 20.18 -26.60 11.63
N ARG B 55 20.99 -27.64 11.89
CA ARG B 55 20.44 -28.99 11.99
C ARG B 55 19.51 -29.13 13.18
N GLU B 56 19.70 -28.32 14.23
CA GLU B 56 18.78 -28.34 15.35
C GLU B 56 17.40 -27.82 14.95
N ILE B 57 17.37 -26.72 14.19
CA ILE B 57 16.10 -26.13 13.76
C ILE B 57 15.34 -27.09 12.87
N VAL B 58 16.05 -27.75 11.94
CA VAL B 58 15.40 -28.68 11.03
C VAL B 58 14.89 -29.90 11.79
N GLU B 59 15.73 -30.46 12.67
CA GLU B 59 15.36 -31.69 13.38
C GLU B 59 14.21 -31.44 14.35
N ASN B 60 14.11 -30.24 14.92
CA ASN B 60 13.12 -29.94 15.95
C ASN B 60 11.95 -29.10 15.47
N ASP B 61 11.90 -28.74 14.19
CA ASP B 61 10.80 -27.93 13.69
C ASP B 61 9.48 -28.70 13.82
N PRO B 62 8.46 -28.12 14.44
CA PRO B 62 7.23 -28.87 14.72
C PRO B 62 6.31 -29.07 13.53
N LYS B 63 6.68 -28.56 12.35
CA LYS B 63 5.87 -28.71 11.15
C LYS B 63 6.59 -29.49 10.06
N GLY B 64 7.84 -29.89 10.28
CA GLY B 64 8.62 -30.53 9.24
C GLY B 64 8.87 -29.57 8.09
N ARG B 65 9.32 -28.36 8.42
CA ARG B 65 9.44 -27.32 7.40
C ARG B 65 10.60 -27.59 6.45
N TYR B 66 11.66 -28.24 6.93
CA TYR B 66 12.92 -28.30 6.20
C TYR B 66 13.38 -29.73 6.05
N GLU B 67 14.16 -29.96 5.00
CA GLU B 67 14.68 -31.27 4.66
C GLU B 67 16.15 -31.16 4.33
N ILE B 68 16.94 -32.09 4.86
CA ILE B 68 18.37 -32.15 4.59
C ILE B 68 18.66 -33.47 3.89
N ARG B 69 19.15 -33.38 2.65
CA ARG B 69 19.59 -34.54 1.87
C ARG B 69 21.07 -34.39 1.61
N GLY B 70 21.88 -35.22 2.26
CA GLY B 70 23.32 -35.12 2.11
C GLY B 70 23.81 -33.76 2.57
N ASP B 71 24.43 -33.02 1.65
CA ASP B 71 24.99 -31.71 1.94
C ASP B 71 24.07 -30.58 1.51
N ARG B 72 22.80 -30.87 1.28
CA ARG B 72 21.85 -29.90 0.75
C ARG B 72 20.66 -29.75 1.70
N ILE B 73 20.06 -28.56 1.70
CA ILE B 73 18.91 -28.26 2.53
C ILE B 73 17.85 -27.55 1.70
N ARG B 74 16.58 -27.81 2.02
CA ARG B 74 15.50 -27.16 1.30
C ARG B 74 14.31 -26.97 2.23
N ALA B 75 13.47 -25.99 1.90
CA ALA B 75 12.16 -25.89 2.49
C ALA B 75 11.22 -26.84 1.74
N ARG B 76 10.39 -27.56 2.49
CA ARG B 76 9.54 -28.58 1.89
C ARG B 76 8.28 -28.02 1.27
N TYR B 77 7.91 -26.77 1.55
CA TYR B 77 6.72 -26.17 0.97
C TYR B 77 6.84 -24.64 1.10
N GLY B 78 5.73 -23.95 0.85
CA GLY B 78 5.69 -22.51 1.00
C GLY B 78 6.45 -21.70 -0.02
N HIS B 79 6.89 -22.31 -1.13
CA HIS B 79 7.66 -21.60 -2.12
C HIS B 79 6.78 -20.62 -2.90
N SER B 80 7.35 -19.46 -3.24
CA SER B 80 6.74 -18.53 -4.17
C SER B 80 7.35 -18.61 -5.57
N PHE B 81 8.47 -19.33 -5.75
CA PHE B 81 8.98 -19.71 -7.05
C PHE B 81 8.76 -21.20 -7.27
N PRO B 82 8.52 -21.64 -8.51
CA PRO B 82 8.10 -23.02 -8.74
C PRO B 82 9.26 -24.00 -8.59
N VAL B 83 9.03 -25.08 -7.85
CA VAL B 83 10.00 -26.13 -7.63
C VAL B 83 9.39 -27.46 -8.02
N SER B 84 10.23 -28.50 -8.03
CA SER B 84 9.83 -29.86 -8.39
C SER B 84 9.95 -30.74 -7.15
N LEU B 85 8.84 -30.94 -6.46
CA LEU B 85 8.83 -31.67 -5.20
C LEU B 85 8.43 -33.12 -5.42
N ASP B 86 9.05 -34.02 -4.66
CA ASP B 86 8.83 -35.46 -4.77
C ASP B 86 8.09 -36.03 -3.57
N HIS B 87 7.20 -35.25 -2.97
CA HIS B 87 6.47 -35.70 -1.79
C HIS B 87 5.50 -36.83 -2.17
N GLU B 88 5.23 -37.70 -1.20
CA GLU B 88 4.30 -38.79 -1.43
C GLU B 88 2.86 -38.26 -1.45
N GLU B 89 2.04 -38.87 -2.30
CA GLU B 89 0.64 -38.48 -2.38
C GLU B 89 -0.11 -38.92 -1.14
N ASP B 90 -1.03 -38.07 -0.67
CA ASP B 90 -1.90 -38.37 0.47
C ASP B 90 -3.21 -38.94 -0.08
N THR B 91 -3.38 -40.25 0.03
CA THR B 91 -4.63 -40.92 -0.32
C THR B 91 -5.43 -41.31 0.91
N GLU B 92 -4.98 -40.93 2.12
CA GLU B 92 -5.61 -41.36 3.34
C GLU B 92 -6.69 -40.39 3.81
N SER B 93 -6.39 -39.09 3.77
CA SER B 93 -7.25 -38.09 4.41
C SER B 93 -8.61 -38.01 3.74
N ARG B 94 -9.67 -37.96 4.55
CA ARG B 94 -11.01 -37.74 4.04
C ARG B 94 -11.37 -36.26 4.00
N PHE B 95 -10.93 -35.51 5.01
CA PHE B 95 -11.22 -34.08 5.13
C PHE B 95 -9.91 -33.32 5.36
N LEU B 96 -9.84 -32.12 4.80
CA LEU B 96 -8.71 -31.23 5.02
C LEU B 96 -9.23 -29.84 5.40
N TYR B 97 -8.37 -29.05 6.01
CA TYR B 97 -8.79 -27.80 6.62
C TYR B 97 -7.91 -26.65 6.13
N HIS B 98 -8.53 -25.48 6.05
CA HIS B 98 -7.82 -24.26 5.66
C HIS B 98 -8.43 -23.09 6.43
N GLY B 99 -7.58 -22.36 7.14
CA GLY B 99 -8.00 -21.14 7.82
C GLY B 99 -7.75 -19.92 6.95
N THR B 100 -8.73 -19.01 6.94
CA THR B 100 -8.63 -17.79 6.15
C THR B 100 -9.44 -16.69 6.82
N PRO B 101 -9.04 -15.43 6.68
CA PRO B 101 -9.86 -14.33 7.21
C PRO B 101 -11.24 -14.30 6.59
N ARG B 102 -12.20 -13.79 7.36
CA ARG B 102 -13.59 -13.72 6.91
C ARG B 102 -13.75 -12.92 5.62
N ARG B 103 -12.92 -11.90 5.40
CA ARG B 103 -13.07 -11.07 4.21
C ARG B 103 -12.83 -11.82 2.91
N ASN B 104 -12.08 -12.93 2.93
CA ASN B 104 -11.78 -13.67 1.70
C ASN B 104 -12.91 -14.60 1.26
N LEU B 105 -13.98 -14.73 2.03
CA LEU B 105 -15.01 -15.73 1.72
C LEU B 105 -15.72 -15.51 0.41
N PRO B 106 -16.19 -14.31 0.04
CA PRO B 106 -16.94 -14.20 -1.23
C PRO B 106 -16.13 -14.64 -2.43
N SER B 107 -14.84 -14.31 -2.47
CA SER B 107 -14.01 -14.71 -3.58
C SER B 107 -13.65 -16.19 -3.49
N ILE B 108 -13.41 -16.71 -2.28
CA ILE B 108 -13.08 -18.13 -2.15
C ILE B 108 -14.29 -18.99 -2.50
N LEU B 109 -15.49 -18.59 -2.04
CA LEU B 109 -16.67 -19.36 -2.38
C LEU B 109 -16.98 -19.31 -3.88
N LYS B 110 -16.47 -18.32 -4.60
CA LYS B 110 -16.72 -18.19 -6.03
C LYS B 110 -15.62 -18.83 -6.86
N GLU B 111 -14.36 -18.51 -6.52
CA GLU B 111 -13.21 -18.95 -7.29
C GLU B 111 -12.48 -20.13 -6.68
N GLY B 112 -12.70 -20.43 -5.40
CA GLY B 112 -11.99 -21.49 -4.75
C GLY B 112 -10.64 -21.04 -4.22
N LEU B 113 -9.96 -21.95 -3.55
CA LEU B 113 -8.67 -21.64 -2.95
C LEU B 113 -7.61 -21.59 -4.04
N LYS B 114 -7.04 -20.37 -4.31
CA LYS B 114 -5.98 -20.22 -5.29
C LYS B 114 -4.63 -20.13 -4.60
N PRO B 115 -3.54 -20.46 -5.31
CA PRO B 115 -2.22 -20.45 -4.67
C PRO B 115 -1.68 -19.05 -4.37
N MET B 116 -2.26 -18.00 -4.95
CA MET B 116 -1.85 -16.61 -4.69
C MET B 116 -0.39 -16.45 -5.13
N LYS B 117 0.51 -15.98 -4.25
CA LYS B 117 1.92 -15.85 -4.61
C LYS B 117 2.69 -17.16 -4.51
N ARG B 118 2.14 -18.18 -3.85
CA ARG B 118 2.85 -19.44 -3.71
C ARG B 118 2.61 -20.34 -4.93
N GLN B 119 3.43 -21.38 -5.04
CA GLN B 119 3.21 -22.36 -6.11
C GLN B 119 1.97 -23.20 -5.86
N TYR B 120 1.73 -23.59 -4.61
CA TYR B 120 0.64 -24.51 -4.28
C TYR B 120 -0.29 -23.92 -3.22
N VAL B 121 -1.56 -24.29 -3.31
CA VAL B 121 -2.48 -24.05 -2.20
C VAL B 121 -2.07 -24.95 -1.03
N HIS B 122 -2.02 -24.37 0.17
CA HIS B 122 -1.61 -25.11 1.37
C HIS B 122 -2.81 -25.35 2.28
N VAL B 123 -3.02 -26.62 2.64
CA VAL B 123 -4.06 -27.02 3.59
C VAL B 123 -3.42 -27.89 4.67
N SER B 124 -4.19 -28.21 5.69
CA SER B 124 -3.70 -29.01 6.80
C SER B 124 -4.69 -30.13 7.12
N THR B 125 -4.15 -31.20 7.68
CA THR B 125 -4.97 -32.25 8.26
C THR B 125 -5.42 -31.93 9.68
N ASP B 126 -5.05 -30.77 10.22
CA ASP B 126 -5.32 -30.40 11.61
C ASP B 126 -6.08 -29.08 11.65
N LYS B 127 -7.11 -29.03 12.49
CA LYS B 127 -7.92 -27.82 12.55
C LYS B 127 -7.16 -26.68 13.20
N ILE B 128 -6.38 -26.98 14.25
CA ILE B 128 -5.70 -25.92 14.98
C ILE B 128 -4.66 -25.22 14.09
N GLU B 129 -3.82 -26.01 13.42
CA GLU B 129 -2.78 -25.45 12.58
C GLU B 129 -3.35 -24.68 11.40
N ALA B 130 -4.48 -25.16 10.86
CA ALA B 130 -5.18 -24.42 9.81
C ALA B 130 -5.69 -23.08 10.32
N LEU B 131 -6.35 -23.09 11.48
CA LEU B 131 -6.85 -21.83 12.03
C LEU B 131 -5.70 -20.91 12.43
N GLU B 132 -4.62 -21.48 12.96
CA GLU B 132 -3.47 -20.67 13.33
C GLU B 132 -2.81 -20.04 12.10
N THR B 133 -2.79 -20.76 10.99
CA THR B 133 -2.22 -20.21 9.76
C THR B 133 -3.04 -19.01 9.28
N GLY B 134 -4.36 -19.13 9.27
CA GLY B 134 -5.21 -18.03 8.85
C GLY B 134 -5.10 -16.80 9.74
N ARG B 135 -4.80 -16.99 11.03
CA ARG B 135 -4.67 -15.86 11.94
C ARG B 135 -3.50 -14.94 11.58
N ARG B 136 -2.55 -15.43 10.76
CA ARG B 136 -1.45 -14.59 10.32
C ARG B 136 -1.91 -13.41 9.46
N HIS B 137 -3.07 -13.51 8.83
CA HIS B 137 -3.54 -12.50 7.89
C HIS B 137 -4.65 -11.61 8.42
N GLY B 138 -5.25 -11.96 9.56
CA GLY B 138 -6.37 -11.18 10.08
C GLY B 138 -6.85 -11.75 11.40
N ARG B 139 -7.80 -11.04 11.99
CA ARG B 139 -8.36 -11.40 13.29
C ARG B 139 -9.57 -12.30 13.17
N GLU B 140 -10.57 -11.89 12.39
CA GLU B 140 -11.76 -12.71 12.15
C GLU B 140 -11.40 -13.79 11.15
N VAL B 141 -11.07 -14.98 11.64
CA VAL B 141 -10.62 -16.09 10.82
C VAL B 141 -11.67 -17.20 10.86
N VAL B 142 -11.91 -17.84 9.72
CA VAL B 142 -12.88 -18.92 9.64
C VAL B 142 -12.17 -20.20 9.20
N LEU B 143 -12.72 -21.33 9.64
CA LEU B 143 -12.20 -22.64 9.29
C LEU B 143 -12.98 -23.18 8.10
N LEU B 144 -12.26 -23.54 7.04
CA LEU B 144 -12.85 -24.13 5.84
C LEU B 144 -12.66 -25.64 5.90
N VAL B 145 -13.71 -26.38 5.60
CA VAL B 145 -13.66 -27.84 5.53
C VAL B 145 -13.66 -28.24 4.06
N ILE B 146 -12.69 -29.08 3.68
CA ILE B 146 -12.49 -29.45 2.28
C ILE B 146 -12.65 -30.96 2.13
N ASP B 147 -13.56 -31.36 1.27
CA ASP B 147 -13.75 -32.77 0.93
C ASP B 147 -12.56 -33.25 0.10
N ALA B 148 -11.72 -34.11 0.71
CA ALA B 148 -10.51 -34.55 0.02
C ALA B 148 -10.83 -35.47 -1.15
N GLU B 149 -11.92 -36.23 -1.07
CA GLU B 149 -12.29 -37.08 -2.20
C GLU B 149 -12.88 -36.26 -3.34
N CYS B 150 -13.50 -35.12 -3.01
CA CYS B 150 -13.92 -34.18 -4.05
C CYS B 150 -12.72 -33.73 -4.88
N LEU B 151 -11.61 -33.42 -4.22
CA LEU B 151 -10.41 -32.98 -4.93
C LEU B 151 -9.89 -34.07 -5.86
N ARG B 152 -9.79 -35.31 -5.35
CA ARG B 152 -9.24 -36.39 -6.15
C ARG B 152 -10.11 -36.67 -7.36
N LYS B 153 -11.43 -36.78 -7.17
CA LYS B 153 -12.33 -37.05 -8.28
C LYS B 153 -12.24 -35.98 -9.36
N ARG B 154 -11.78 -34.78 -9.03
CA ARG B 154 -11.63 -33.71 -10.01
C ARG B 154 -10.21 -33.58 -10.53
N GLY B 155 -9.31 -34.47 -10.15
CA GLY B 155 -7.96 -34.47 -10.69
C GLY B 155 -6.96 -33.61 -9.95
N PHE B 156 -7.24 -33.22 -8.72
CA PHE B 156 -6.31 -32.42 -7.90
C PHE B 156 -5.80 -33.33 -6.78
N LYS B 157 -4.63 -33.94 -7.03
CA LYS B 157 -4.01 -34.81 -6.05
C LYS B 157 -3.41 -33.98 -4.91
N ILE B 158 -3.50 -34.52 -3.70
CA ILE B 158 -2.96 -33.90 -2.50
C ILE B 158 -1.68 -34.61 -2.12
N TYR B 159 -0.67 -33.85 -1.69
CA TYR B 159 0.64 -34.41 -1.42
C TYR B 159 1.08 -34.13 0.01
N LYS B 160 1.81 -35.08 0.59
CA LYS B 160 2.24 -35.01 1.98
C LYS B 160 3.54 -34.22 2.04
N ALA B 161 3.43 -32.91 2.21
CA ALA B 161 4.59 -32.03 2.20
C ALA B 161 5.15 -31.75 3.59
N GLY B 162 4.32 -31.78 4.62
CA GLY B 162 4.78 -31.65 5.99
C GLY B 162 4.16 -32.68 6.91
N LYS B 163 4.35 -32.53 8.22
CA LYS B 163 3.72 -33.44 9.17
C LYS B 163 2.20 -33.44 9.00
N ASN B 164 1.59 -32.25 8.99
CA ASN B 164 0.17 -32.10 8.70
C ASN B 164 -0.12 -31.22 7.51
N VAL B 165 0.85 -30.43 7.06
CA VAL B 165 0.66 -29.59 5.88
C VAL B 165 0.52 -30.46 4.64
N ARG B 166 -0.46 -30.12 3.80
CA ARG B 166 -0.66 -30.78 2.52
C ARG B 166 -0.75 -29.73 1.43
N ILE B 167 -0.05 -29.96 0.31
CA ILE B 167 -0.10 -29.06 -0.84
C ILE B 167 -0.96 -29.65 -1.93
N VAL B 168 -1.62 -28.75 -2.66
CA VAL B 168 -2.51 -29.13 -3.75
C VAL B 168 -2.52 -27.99 -4.75
N GLU B 169 -2.87 -28.29 -5.99
CA GLU B 169 -2.85 -27.30 -7.05
C GLU B 169 -3.83 -26.17 -6.76
N ARG B 170 -5.06 -26.51 -6.42
CA ARG B 170 -6.08 -25.54 -6.06
C ARG B 170 -7.28 -26.32 -5.54
N VAL B 171 -8.20 -25.61 -4.89
CA VAL B 171 -9.39 -26.23 -4.33
C VAL B 171 -10.61 -25.60 -5.00
N PRO B 172 -11.32 -26.31 -5.88
CA PRO B 172 -12.52 -25.75 -6.46
C PRO B 172 -13.54 -25.45 -5.37
N PRO B 173 -14.44 -24.51 -5.60
CA PRO B 173 -15.37 -24.11 -4.54
C PRO B 173 -16.25 -25.23 -4.04
N ASP B 174 -16.80 -26.05 -4.93
CA ASP B 174 -17.73 -27.10 -4.50
C ASP B 174 -17.05 -28.23 -3.74
N CYS B 175 -15.74 -28.17 -3.54
CA CYS B 175 -15.05 -29.07 -2.64
C CYS B 175 -14.93 -28.52 -1.23
N ILE B 176 -15.40 -27.29 -1.00
CA ILE B 176 -15.46 -26.71 0.34
C ILE B 176 -16.85 -27.00 0.89
N THR B 177 -16.93 -27.88 1.88
CA THR B 177 -18.21 -28.32 2.40
C THR B 177 -18.76 -27.41 3.49
N LEU B 178 -17.89 -26.72 4.22
CA LEU B 178 -18.33 -26.00 5.41
C LEU B 178 -17.38 -24.85 5.71
N ALA B 179 -17.93 -23.74 6.20
CA ALA B 179 -17.15 -22.62 6.69
C ALA B 179 -17.65 -22.30 8.10
N VAL B 180 -16.73 -22.27 9.06
CA VAL B 180 -17.10 -22.05 10.47
C VAL B 180 -16.32 -20.89 11.07
N1 A1EJE E . -14.56 11.42 -7.64
N3 A1EJE E . -12.82 9.92 -7.95
C4 A1EJE E . -11.50 9.66 -8.08
C6 A1EJE E . -11.02 11.78 -7.79
C7 A1EJE E . -12.34 12.18 -7.65
C13 A1EJE E . -6.92 13.46 -6.59
C24 A1EJE E . -4.32 19.82 -5.08
C11 A1EJE E . -8.82 13.03 -7.83
C14 A1EJE E . -6.69 14.17 -5.28
C2 A1EJE E . -13.34 11.18 -7.73
C25 A1EJE E . -3.35 20.96 -5.15
C27 A1EJE E . -1.08 20.94 -5.83
C33 A1EJE E . -1.79 21.99 -6.67
C34 A1EJE E . -3.27 21.65 -6.51
C36 A1EJE E . -6.87 14.33 -7.85
C38 A1EJE E . -8.33 14.40 -8.27
C9 A1EJE E . -11.15 13.95 -7.48
N10 A1EJE E . -10.27 12.93 -7.68
N5 A1EJE E . -10.55 10.54 -8.01
N8 A1EJE E . -12.40 13.55 -7.45
O12 A1EJE E . -8.22 12.83 -6.57
O15 A1EJE E . -5.30 14.56 -5.19
O17 A1EJE E . -3.48 16.13 -4.47
O18 A1EJE E . -5.73 16.10 -3.28
O19 A1EJE E . -5.57 16.96 -5.62
O21 A1EJE E . -4.22 17.04 -7.73
O22 A1EJE E . -6.11 18.70 -7.31
O23 A1EJE E . -3.93 18.80 -6.02
O26 A1EJE E . -2.01 20.49 -4.87
O28 A1EJE E . 0.02 21.62 -5.14
O30 A1EJE E . 1.01 23.51 -6.50
O31 A1EJE E . 0.09 23.96 -4.17
O32 A1EJE E . -1.47 23.26 -6.05
O35 A1EJE E . -4.07 22.84 -6.54
O37 A1EJE E . -6.10 13.69 -8.87
O39 A1EJE E . -8.51 14.59 -9.67
P16 A1EJE E . -4.94 15.97 -4.53
P20 A1EJE E . -5.00 17.88 -6.78
P29 A1EJE E . 0.02 23.20 -5.44
C1 GOL F . -0.71 6.04 -15.29
O1 GOL F . 0.31 6.45 -14.42
C2 GOL F . -2.02 6.78 -14.87
O2 GOL F . -1.99 8.15 -15.21
C3 GOL F . -3.18 6.03 -15.60
O3 GOL F . -4.37 6.68 -15.28
N1 A1EJE G . -9.53 -17.29 -4.26
N3 A1EJE G . -9.35 -15.32 -3.04
C4 A1EJE G . -8.83 -14.62 -2.02
C6 A1EJE G . -7.68 -16.38 -1.35
C7 A1EJE G . -8.14 -17.19 -2.36
C13 A1EJE G . -4.03 -16.15 1.35
C24 A1EJE G . 0.84 -20.92 3.48
C11 A1EJE G . -6.15 -16.72 0.62
C14 A1EJE G . -2.66 -16.47 0.80
C2 A1EJE G . -9.05 -16.64 -3.31
C25 A1EJE G . 1.70 -21.62 4.50
C27 A1EJE G . 2.51 -20.80 6.57
C33 A1EJE G . 1.80 -22.13 6.86
C34 A1EJE G . 0.97 -22.38 5.61
C36 A1EJE G . -4.62 -17.18 2.34
C38 A1EJE G . -5.68 -17.88 1.48
C9 A1EJE G . -6.83 -18.38 -1.18
N10 A1EJE G . -6.84 -17.15 -0.59
N5 A1EJE G . -7.99 -15.08 -1.13
N8 A1EJE G . -7.60 -18.46 -2.24
O12 A1EJE G . -4.97 -16.03 0.26
O15 A1EJE G . -1.68 -16.37 1.86
O17 A1EJE G . 0.50 -17.09 2.92
O18 A1EJE G . 0.01 -17.58 0.46
O19 A1EJE G . -1.25 -18.75 2.26
O21 A1EJE G . -2.04 -18.65 4.63
O22 A1EJE G . -2.13 -20.83 3.29
O23 A1EJE G . 0.08 -19.85 4.07
O26 A1EJE G . 2.55 -20.66 5.17
O28 A1EJE G . 3.89 -20.94 7.08
O30 A1EJE G . 3.93 -22.37 9.17
O31 A1EJE G . 5.40 -22.97 7.17
O32 A1EJE G . 2.87 -23.10 6.99
O35 A1EJE G . 0.90 -23.77 5.32
O37 A1EJE G . -5.20 -16.53 3.46
O39 A1EJE G . -6.79 -18.42 2.19
P16 A1EJE G . -0.47 -17.41 1.85
P20 A1EJE G . -1.44 -19.55 3.62
P29 A1EJE G . 4.13 -22.41 7.70
C1 GOL H . -7.55 -30.11 15.79
O1 GOL H . -6.23 -30.31 16.16
C2 GOL H . -8.04 -31.40 15.11
O2 GOL H . -7.56 -31.51 13.83
C3 GOL H . -7.54 -32.54 16.02
O3 GOL H . -8.62 -33.41 16.17
#